data_7QB2
#
_entry.id   7QB2
#
_cell.length_a   97.785
_cell.length_b   97.785
_cell.length_c   80.188
_cell.angle_alpha   90.000
_cell.angle_beta   90.000
_cell.angle_gamma   120.000
#
_symmetry.space_group_name_H-M   'P 65'
#
loop_
_entity.id
_entity.type
_entity.pdbx_description
1 polymer 'Serine/threonine-protein kinase pim-1'
2 polymer Pimtide
3 non-polymer GLYCEROL
4 non-polymer '4-[(E)-(6-azanyl-1-methyl-2-oxidanylidene-indol-3-ylidene)methyl]benzoic acid'
5 water water
#
loop_
_entity_poly.entity_id
_entity_poly.type
_entity_poly.pdbx_seq_one_letter_code
_entity_poly.pdbx_strand_id
1 'polypeptide(L)'
;MLLSKINSLAHLRAAPCNDLHATKLAPGKEKEPLESQYQVGPLLGSGGFGSVYSGIRVSDNLPVAIKHVEKDRISDWGEL
PNGTRVPMEVVLLKKVSSGFSGVIRLLDWFERPDSFVLILERPEPVQDLFDFITERGALQEELARSFFWQVLEAVRHCHN
CGVLHRDIKDENILIDLNRGELKLIDFGSGALLKDTVYTDFDGTRVYSPPEWIRYHRYHGRSAAVWSLGILLYDMVCGDI
PFEHDEEIIGGQVFFRQRVS(SEP)ECQHLIRWCLALRPSDRPTFEEIQNHPWMQDVLLPQETAEIHLHSLSPGPS
;
A
2 'polypeptide(L)' ARKRRRHPSGPPTA D
#
# COMPACT_ATOMS: atom_id res chain seq x y z
N PRO A 33 -24.61 -10.53 -16.38
CA PRO A 33 -24.65 -9.11 -16.75
C PRO A 33 -23.72 -8.25 -15.88
N LEU A 34 -23.38 -7.04 -16.35
CA LEU A 34 -22.36 -6.24 -15.66
C LEU A 34 -22.80 -4.81 -15.41
N GLU A 35 -23.11 -4.08 -16.48
CA GLU A 35 -23.64 -2.73 -16.30
C GLU A 35 -25.04 -2.74 -15.69
N SER A 36 -25.61 -3.92 -15.42
CA SER A 36 -26.92 -4.04 -14.80
C SER A 36 -26.87 -4.34 -13.32
N GLN A 37 -25.77 -4.89 -12.80
CA GLN A 37 -25.68 -5.16 -11.37
C GLN A 37 -24.98 -4.04 -10.60
N TYR A 38 -24.36 -3.08 -11.28
CA TYR A 38 -23.71 -1.97 -10.61
C TYR A 38 -24.16 -0.67 -11.23
N GLN A 39 -24.58 0.27 -10.38
CA GLN A 39 -24.69 1.66 -10.78
C GLN A 39 -23.30 2.25 -10.81
N VAL A 40 -22.90 2.82 -11.95
CA VAL A 40 -21.53 3.25 -12.21
C VAL A 40 -21.49 4.77 -12.15
N GLY A 41 -20.49 5.31 -11.45
CA GLY A 41 -20.37 6.72 -11.27
C GLY A 41 -19.12 7.29 -11.90
N PRO A 42 -18.54 8.29 -11.25
CA PRO A 42 -17.38 9.00 -11.82
C PRO A 42 -16.05 8.32 -11.54
N LEU A 43 -15.07 8.68 -12.35
CA LEU A 43 -13.70 8.23 -12.14
C LEU A 43 -13.23 8.54 -10.73
N LEU A 44 -12.36 7.69 -10.20
CA LEU A 44 -11.76 7.89 -8.89
C LEU A 44 -10.27 8.09 -9.05
N GLY A 45 -9.66 8.77 -8.08
CA GLY A 45 -8.22 8.84 -7.97
C GLY A 45 -7.67 10.21 -8.34
N SER A 46 -6.34 10.26 -8.41
CA SER A 46 -5.61 11.50 -8.62
C SER A 46 -5.51 11.90 -10.09
N GLY A 47 -5.55 10.94 -11.01
CA GLY A 47 -5.38 11.26 -12.41
C GLY A 47 -4.14 10.64 -13.01
N GLY A 48 -4.25 9.40 -13.47
CA GLY A 48 -3.17 8.75 -14.17
C GLY A 48 -3.69 7.84 -15.25
N PHE A 49 -2.82 7.00 -15.82
CA PHE A 49 -3.21 6.09 -16.89
C PHE A 49 -4.01 4.89 -16.37
N GLY A 50 -4.69 5.04 -15.22
CA GLY A 50 -5.52 4.00 -14.65
C GLY A 50 -7.01 4.36 -14.58
N SER A 51 -7.88 3.35 -14.46
CA SER A 51 -9.32 3.54 -14.65
C SER A 51 -10.13 2.86 -13.55
N VAL A 52 -10.44 3.61 -12.50
CA VAL A 52 -11.16 3.08 -11.35
C VAL A 52 -12.36 3.97 -11.10
N TYR A 53 -13.56 3.39 -11.21
CA TYR A 53 -14.80 4.14 -11.12
C TYR A 53 -15.48 3.91 -9.78
N SER A 54 -16.09 4.96 -9.26
CA SER A 54 -16.98 4.82 -8.14
C SER A 54 -18.28 4.17 -8.59
N GLY A 55 -18.83 3.30 -7.76
CA GLY A 55 -20.03 2.59 -8.10
C GLY A 55 -20.81 2.24 -6.84
N ILE A 56 -22.03 1.78 -7.06
CA ILE A 56 -22.91 1.26 -6.02
C ILE A 56 -23.50 -0.05 -6.54
N ARG A 57 -23.59 -1.04 -5.66
CA ARG A 57 -24.14 -2.34 -6.04
C ARG A 57 -25.64 -2.30 -5.87
N VAL A 58 -26.38 -2.53 -6.97
CA VAL A 58 -27.84 -2.41 -6.92
C VAL A 58 -28.43 -3.39 -5.92
N SER A 59 -27.84 -4.59 -5.80
CA SER A 59 -28.32 -5.59 -4.85
C SER A 59 -28.53 -5.00 -3.46
N ASP A 60 -27.57 -4.19 -2.97
CA ASP A 60 -27.70 -3.69 -1.60
C ASP A 60 -27.12 -2.30 -1.37
N ASN A 61 -26.96 -1.47 -2.42
CA ASN A 61 -26.38 -0.13 -2.27
C ASN A 61 -25.00 -0.15 -1.62
N LEU A 62 -24.30 -1.26 -1.74
CA LEU A 62 -22.94 -1.35 -1.21
C LEU A 62 -22.02 -0.47 -2.06
N PRO A 63 -21.31 0.48 -1.47
CA PRO A 63 -20.30 1.22 -2.23
C PRO A 63 -19.23 0.29 -2.78
N VAL A 64 -18.96 0.42 -4.08
CA VAL A 64 -17.92 -0.38 -4.73
C VAL A 64 -16.99 0.52 -5.52
N ALA A 65 -15.76 0.06 -5.71
CA ALA A 65 -14.85 0.63 -6.69
C ALA A 65 -14.71 -0.36 -7.83
N ILE A 66 -14.83 0.12 -9.05
CA ILE A 66 -14.87 -0.72 -10.25
C ILE A 66 -13.61 -0.42 -11.04
N LYS A 67 -12.66 -1.35 -10.99
CA LYS A 67 -11.34 -1.14 -11.57
C LYS A 67 -11.25 -1.87 -12.90
N HIS A 68 -10.81 -1.17 -13.94
CA HIS A 68 -10.64 -1.77 -15.26
C HIS A 68 -9.15 -1.91 -15.55
N VAL A 69 -8.78 -3.04 -16.13
CA VAL A 69 -7.40 -3.39 -16.41
C VAL A 69 -7.36 -3.93 -17.83
N GLU A 70 -6.55 -3.31 -18.67
CA GLU A 70 -6.46 -3.72 -20.07
C GLU A 70 -5.62 -4.99 -20.17
N LYS A 71 -6.12 -5.97 -20.91
CA LYS A 71 -5.37 -7.22 -21.07
C LYS A 71 -3.98 -6.96 -21.64
N ASP A 72 -3.89 -6.13 -22.68
CA ASP A 72 -2.62 -5.90 -23.35
C ASP A 72 -1.60 -5.22 -22.44
N ARG A 73 -1.98 -4.85 -21.22
CA ARG A 73 -1.13 -4.03 -20.35
C ARG A 73 -0.77 -4.76 -19.06
N ILE A 74 -0.92 -6.08 -19.04
CA ILE A 74 -0.79 -6.86 -17.81
C ILE A 74 0.58 -7.51 -17.78
N SER A 75 1.30 -7.35 -16.66
CA SER A 75 2.65 -7.88 -16.54
C SER A 75 2.64 -9.38 -16.28
N ASP A 76 2.18 -9.80 -15.11
CA ASP A 76 2.20 -11.20 -14.70
C ASP A 76 0.79 -11.76 -14.72
N TRP A 77 0.66 -12.99 -15.21
CA TRP A 77 -0.62 -13.70 -15.27
C TRP A 77 -0.61 -14.88 -14.32
N GLY A 78 -1.79 -15.21 -13.80
CA GLY A 78 -1.94 -16.35 -12.93
C GLY A 78 -3.08 -17.23 -13.38
N GLU A 79 -3.13 -18.42 -12.80
CA GLU A 79 -4.22 -19.36 -13.05
C GLU A 79 -5.02 -19.51 -11.78
N LEU A 80 -6.34 -19.42 -11.90
CA LEU A 80 -7.24 -19.55 -10.77
C LEU A 80 -7.48 -21.03 -10.47
N PRO A 81 -8.34 -21.34 -9.51
CA PRO A 81 -8.63 -22.75 -9.23
C PRO A 81 -9.19 -23.49 -10.44
N ASN A 82 -10.13 -22.89 -11.16
CA ASN A 82 -10.67 -23.49 -12.38
C ASN A 82 -9.65 -23.55 -13.52
N GLY A 83 -8.38 -23.23 -13.29
CA GLY A 83 -7.43 -23.09 -14.37
C GLY A 83 -7.64 -21.87 -15.23
N THR A 84 -8.63 -21.03 -14.93
CA THR A 84 -8.89 -19.84 -15.72
C THR A 84 -7.72 -18.87 -15.57
N ARG A 85 -7.14 -18.47 -16.71
CA ARG A 85 -5.98 -17.58 -16.69
C ARG A 85 -6.45 -16.15 -16.41
N VAL A 86 -5.98 -15.59 -15.31
CA VAL A 86 -6.44 -14.28 -14.85
C VAL A 86 -5.21 -13.44 -14.51
N PRO A 87 -5.35 -12.12 -14.49
CA PRO A 87 -4.24 -11.29 -14.03
C PRO A 87 -3.82 -11.70 -12.62
N MET A 88 -2.51 -11.64 -12.35
CA MET A 88 -2.02 -11.96 -11.02
C MET A 88 -2.73 -11.13 -9.96
N GLU A 89 -3.07 -9.88 -10.27
CA GLU A 89 -3.75 -9.03 -9.30
C GLU A 89 -4.99 -9.72 -8.75
N VAL A 90 -5.74 -10.42 -9.62
CA VAL A 90 -6.95 -11.11 -9.17
C VAL A 90 -6.58 -12.24 -8.22
N VAL A 91 -5.57 -13.03 -8.59
CA VAL A 91 -5.10 -14.13 -7.73
C VAL A 91 -4.74 -13.60 -6.35
N LEU A 92 -3.95 -12.54 -6.30
CA LEU A 92 -3.48 -11.98 -5.03
C LEU A 92 -4.64 -11.43 -4.20
N LEU A 93 -5.58 -10.75 -4.85
CA LEU A 93 -6.70 -10.17 -4.11
C LEU A 93 -7.58 -11.25 -3.49
N LYS A 94 -7.75 -12.37 -4.20
CA LYS A 94 -8.53 -13.49 -3.64
C LYS A 94 -7.83 -14.08 -2.44
N LYS A 95 -6.50 -14.18 -2.48
CA LYS A 95 -5.79 -14.79 -1.37
C LYS A 95 -5.87 -13.93 -0.11
N VAL A 96 -6.05 -12.61 -0.24
CA VAL A 96 -6.10 -11.76 0.94
C VAL A 96 -7.51 -11.33 1.33
N SER A 97 -8.53 -11.68 0.56
CA SER A 97 -9.89 -11.27 0.91
C SER A 97 -10.37 -12.00 2.17
N SER A 98 -11.10 -11.28 3.02
CA SER A 98 -11.48 -11.74 4.36
C SER A 98 -12.21 -10.67 5.17
N GLY A 99 -12.58 -11.02 6.40
CA GLY A 99 -13.15 -10.06 7.33
C GLY A 99 -12.15 -9.12 7.96
N PHE A 100 -10.87 -9.29 7.68
CA PHE A 100 -9.86 -8.34 8.14
C PHE A 100 -9.83 -7.16 7.19
N SER A 101 -10.15 -5.97 7.70
CA SER A 101 -10.42 -4.80 6.89
C SER A 101 -9.16 -4.00 6.59
N GLY A 102 -7.97 -4.52 6.87
CA GLY A 102 -6.78 -3.74 6.56
C GLY A 102 -6.40 -3.74 5.11
N VAL A 103 -7.04 -4.57 4.31
CA VAL A 103 -6.70 -4.73 2.91
C VAL A 103 -7.97 -4.60 2.10
N ILE A 104 -7.88 -3.97 0.92
CA ILE A 104 -9.02 -3.85 0.05
C ILE A 104 -9.60 -5.24 -0.24
N ARG A 105 -10.92 -5.34 -0.25
CA ARG A 105 -11.61 -6.60 -0.48
C ARG A 105 -12.11 -6.65 -1.91
N LEU A 106 -11.77 -7.72 -2.62
CA LEU A 106 -12.29 -7.99 -3.95
C LEU A 106 -13.61 -8.74 -3.80
N LEU A 107 -14.68 -8.20 -4.37
CA LEU A 107 -15.98 -8.84 -4.20
C LEU A 107 -16.40 -9.66 -5.41
N ASP A 108 -15.79 -9.43 -6.57
CA ASP A 108 -16.18 -10.07 -7.80
C ASP A 108 -15.28 -9.53 -8.89
N TRP A 109 -15.25 -10.23 -10.02
CA TRP A 109 -14.53 -9.77 -11.19
C TRP A 109 -15.18 -10.39 -12.41
N PHE A 110 -14.99 -9.73 -13.55
CA PHE A 110 -15.58 -10.11 -14.82
C PHE A 110 -14.49 -10.06 -15.87
N GLU A 111 -14.51 -10.99 -16.82
CA GLU A 111 -13.65 -10.88 -17.99
C GLU A 111 -14.43 -10.29 -19.16
N ARG A 112 -13.75 -9.49 -19.96
CA ARG A 112 -14.27 -8.85 -21.16
C ARG A 112 -13.25 -9.09 -22.25
N PRO A 113 -13.61 -8.86 -23.52
CA PRO A 113 -12.68 -9.14 -24.61
C PRO A 113 -11.29 -8.58 -24.42
N ASP A 114 -11.16 -7.27 -24.18
CA ASP A 114 -9.86 -6.62 -24.11
C ASP A 114 -9.44 -6.24 -22.69
N SER A 115 -10.19 -6.63 -21.65
CA SER A 115 -9.92 -6.15 -20.30
C SER A 115 -10.55 -7.06 -19.25
N PHE A 116 -10.10 -6.88 -18.01
CA PHE A 116 -10.74 -7.42 -16.82
C PHE A 116 -11.34 -6.29 -15.99
N VAL A 117 -12.44 -6.59 -15.30
CA VAL A 117 -13.09 -5.62 -14.43
C VAL A 117 -13.10 -6.20 -13.03
N LEU A 118 -12.59 -5.42 -12.07
CA LEU A 118 -12.49 -5.82 -10.68
C LEU A 118 -13.46 -5.00 -9.84
N ILE A 119 -14.33 -5.67 -9.09
CA ILE A 119 -15.28 -5.01 -8.19
C ILE A 119 -14.67 -5.05 -6.80
N LEU A 120 -14.29 -3.89 -6.28
CA LEU A 120 -13.65 -3.78 -4.98
C LEU A 120 -14.61 -3.11 -4.01
N GLU A 121 -14.60 -3.56 -2.75
CA GLU A 121 -15.45 -2.94 -1.75
C GLU A 121 -14.87 -1.59 -1.36
N ARG A 122 -15.65 -0.51 -1.56
CA ARG A 122 -15.14 0.84 -1.43
C ARG A 122 -15.56 1.47 -0.10
N PRO A 123 -14.63 1.76 0.80
CA PRO A 123 -15.01 2.50 2.00
C PRO A 123 -15.30 3.95 1.67
N GLU A 124 -16.01 4.60 2.58
CA GLU A 124 -16.28 6.01 2.44
C GLU A 124 -16.81 6.52 3.77
N PRO A 125 -16.53 7.78 4.14
CA PRO A 125 -15.70 8.70 3.35
C PRO A 125 -14.22 8.35 3.48
N VAL A 126 -13.44 8.49 2.42
CA VAL A 126 -12.01 8.18 2.50
C VAL A 126 -11.19 9.26 1.80
N GLN A 127 -9.93 9.33 2.18
CA GLN A 127 -8.91 10.13 1.52
C GLN A 127 -7.66 9.29 1.53
N ASP A 128 -6.86 9.40 0.46
CA ASP A 128 -5.67 8.56 0.48
C ASP A 128 -4.60 9.25 1.31
N LEU A 129 -3.65 8.44 1.79
CA LEU A 129 -2.67 8.97 2.72
C LEU A 129 -1.79 10.02 2.07
N PHE A 130 -1.57 9.93 0.75
CA PHE A 130 -0.76 10.94 0.09
C PHE A 130 -1.39 12.32 0.19
N ASP A 131 -2.67 12.44 -0.21
CA ASP A 131 -3.36 13.74 -0.11
C ASP A 131 -3.49 14.19 1.33
N PHE A 132 -3.60 13.25 2.25
CA PHE A 132 -3.72 13.58 3.67
C PHE A 132 -2.45 14.24 4.17
N ILE A 133 -1.30 13.66 3.83
CA ILE A 133 -0.03 14.22 4.27
C ILE A 133 0.23 15.56 3.59
N THR A 134 -0.10 15.67 2.30
CA THR A 134 0.02 16.94 1.61
C THR A 134 -0.80 18.02 2.28
N GLU A 135 -2.07 17.73 2.60
CA GLU A 135 -2.90 18.77 3.21
C GLU A 135 -2.49 19.07 4.64
N ARG A 136 -2.06 18.07 5.41
CA ARG A 136 -1.80 18.28 6.82
C ARG A 136 -0.34 18.53 7.15
N GLY A 137 0.56 18.27 6.23
CA GLY A 137 1.97 18.32 6.57
C GLY A 137 2.37 17.11 7.40
N ALA A 138 3.59 17.18 7.92
CA ALA A 138 4.12 16.17 8.85
C ALA A 138 3.12 15.85 9.94
N LEU A 139 2.90 14.57 10.17
CA LEU A 139 1.93 14.09 11.14
C LEU A 139 2.54 14.03 12.54
N GLN A 140 1.76 14.42 13.54
CA GLN A 140 2.09 14.12 14.93
C GLN A 140 2.44 12.65 15.08
N GLU A 141 3.38 12.35 15.97
CA GLU A 141 3.86 10.98 16.07
C GLU A 141 2.77 10.03 16.55
N GLU A 142 1.88 10.50 17.41
CA GLU A 142 0.74 9.70 17.83
C GLU A 142 -0.08 9.25 16.63
N LEU A 143 -0.33 10.16 15.69
CA LEU A 143 -1.12 9.80 14.52
C LEU A 143 -0.34 8.88 13.59
N ALA A 144 0.94 9.20 13.36
CA ALA A 144 1.78 8.36 12.51
C ALA A 144 1.95 6.97 13.12
N ARG A 145 1.95 6.86 14.45
CA ARG A 145 2.10 5.55 15.08
C ARG A 145 0.86 4.69 14.86
N SER A 146 -0.33 5.28 15.00
CA SER A 146 -1.56 4.55 14.71
C SER A 146 -1.59 4.12 13.25
N PHE A 147 -1.24 5.02 12.33
CA PHE A 147 -1.27 4.69 10.91
C PHE A 147 -0.25 3.61 10.56
N PHE A 148 1.00 3.83 10.98
CA PHE A 148 2.03 2.84 10.72
C PHE A 148 1.68 1.48 11.30
N TRP A 149 1.16 1.46 12.53
CA TRP A 149 0.77 0.18 13.14
C TRP A 149 -0.27 -0.53 12.28
N GLN A 150 -1.29 0.20 11.80
CA GLN A 150 -2.31 -0.45 11.00
C GLN A 150 -1.75 -0.95 9.67
N VAL A 151 -0.80 -0.23 9.07
CA VAL A 151 -0.16 -0.72 7.85
C VAL A 151 0.61 -2.00 8.15
N LEU A 152 1.35 -2.00 9.25
CA LEU A 152 2.07 -3.22 9.65
C LEU A 152 1.12 -4.42 9.74
N GLU A 153 -0.03 -4.26 10.40
CA GLU A 153 -0.95 -5.39 10.50
C GLU A 153 -1.46 -5.81 9.14
N ALA A 154 -1.75 -4.85 8.26
CA ALA A 154 -2.25 -5.20 6.92
C ALA A 154 -1.20 -5.96 6.11
N VAL A 155 0.07 -5.52 6.19
CA VAL A 155 1.13 -6.19 5.45
C VAL A 155 1.40 -7.58 6.03
N ARG A 156 1.43 -7.70 7.36
CA ARG A 156 1.49 -9.04 7.96
C ARG A 156 0.37 -9.93 7.43
N HIS A 157 -0.84 -9.37 7.29
CA HIS A 157 -1.95 -10.18 6.78
C HIS A 157 -1.67 -10.68 5.36
N CYS A 158 -1.20 -9.79 4.48
CA CYS A 158 -0.78 -10.18 3.13
C CYS A 158 0.23 -11.31 3.19
N HIS A 159 1.26 -11.15 4.02
CA HIS A 159 2.32 -12.16 4.01
C HIS A 159 1.81 -13.49 4.54
N ASN A 160 0.96 -13.48 5.58
CA ASN A 160 0.37 -14.73 6.06
C ASN A 160 -0.46 -15.40 4.97
N CYS A 161 -1.01 -14.62 4.04
CA CYS A 161 -1.80 -15.18 2.94
C CYS A 161 -0.98 -15.52 1.72
N GLY A 162 0.35 -15.37 1.76
CA GLY A 162 1.18 -15.71 0.63
C GLY A 162 1.38 -14.62 -0.40
N VAL A 163 1.07 -13.37 -0.07
CA VAL A 163 1.02 -12.27 -1.02
C VAL A 163 2.06 -11.24 -0.63
N LEU A 164 2.83 -10.77 -1.61
CA LEU A 164 3.78 -9.68 -1.45
C LEU A 164 3.24 -8.46 -2.21
N HIS A 165 3.08 -7.33 -1.52
CA HIS A 165 2.41 -6.21 -2.18
C HIS A 165 3.33 -5.50 -3.17
N ARG A 166 4.55 -5.18 -2.74
CA ARG A 166 5.63 -4.61 -3.55
C ARG A 166 5.40 -3.15 -3.96
N ASP A 167 4.33 -2.50 -3.52
CA ASP A 167 4.16 -1.09 -3.80
C ASP A 167 3.59 -0.37 -2.59
N ILE A 168 4.12 -0.67 -1.40
CA ILE A 168 3.67 0.04 -0.21
C ILE A 168 4.10 1.50 -0.32
N LYS A 169 3.14 2.41 -0.21
CA LYS A 169 3.43 3.85 -0.22
C LYS A 169 2.14 4.56 0.17
N ASP A 170 2.26 5.86 0.48
CA ASP A 170 1.09 6.60 0.93
C ASP A 170 0.00 6.66 -0.14
N GLU A 171 0.38 6.64 -1.41
CA GLU A 171 -0.60 6.66 -2.49
C GLU A 171 -1.48 5.42 -2.52
N ASN A 172 -1.02 4.30 -1.97
CA ASN A 172 -1.74 3.04 -2.03
C ASN A 172 -2.39 2.70 -0.70
N ILE A 173 -2.70 3.73 0.10
CA ILE A 173 -3.29 3.58 1.42
C ILE A 173 -4.46 4.55 1.53
N LEU A 174 -5.64 4.02 1.84
CA LEU A 174 -6.84 4.83 2.07
C LEU A 174 -7.12 4.93 3.55
N ILE A 175 -7.50 6.14 3.98
CA ILE A 175 -7.93 6.38 5.35
C ILE A 175 -9.45 6.47 5.37
N ASP A 176 -10.08 5.62 6.17
CA ASP A 176 -11.51 5.77 6.43
C ASP A 176 -11.64 6.85 7.49
N LEU A 177 -12.00 8.05 7.04
CA LEU A 177 -12.03 9.23 7.91
C LEU A 177 -13.04 9.10 9.06
N ASN A 178 -14.03 8.21 8.94
CA ASN A 178 -14.99 8.10 10.03
C ASN A 178 -14.60 7.01 11.02
N ARG A 179 -14.16 5.85 10.53
CA ARG A 179 -13.78 4.76 11.42
C ARG A 179 -12.31 4.82 11.83
N GLY A 180 -11.50 5.67 11.20
CA GLY A 180 -10.09 5.72 11.51
C GLY A 180 -9.31 4.49 11.10
N GLU A 181 -9.81 3.72 10.14
CA GLU A 181 -9.20 2.49 9.67
C GLU A 181 -8.51 2.72 8.34
N LEU A 182 -7.27 2.22 8.22
CA LEU A 182 -6.49 2.36 7.00
C LEU A 182 -6.65 1.12 6.14
N LYS A 183 -6.47 1.27 4.83
CA LYS A 183 -6.75 0.20 3.88
C LYS A 183 -5.66 0.18 2.81
N LEU A 184 -4.98 -0.96 2.67
CA LEU A 184 -3.97 -1.14 1.62
C LEU A 184 -4.64 -1.46 0.30
N ILE A 185 -4.31 -0.73 -0.77
CA ILE A 185 -5.00 -0.90 -2.04
C ILE A 185 -3.99 -1.15 -3.14
N ASP A 186 -4.50 -1.39 -4.34
CA ASP A 186 -3.76 -1.58 -5.58
C ASP A 186 -2.67 -2.65 -5.49
N PHE A 187 -3.07 -3.91 -5.64
CA PHE A 187 -2.15 -5.02 -5.68
C PHE A 187 -1.59 -5.28 -7.09
N GLY A 188 -1.64 -4.30 -7.98
CA GLY A 188 -1.27 -4.50 -9.36
C GLY A 188 0.21 -4.72 -9.60
N SER A 189 1.07 -4.48 -8.60
CA SER A 189 2.50 -4.77 -8.71
C SER A 189 2.93 -5.91 -7.81
N GLY A 190 1.99 -6.62 -7.19
CA GLY A 190 2.33 -7.63 -6.23
C GLY A 190 2.83 -8.92 -6.83
N ALA A 191 3.17 -9.85 -5.95
CA ALA A 191 3.59 -11.19 -6.35
C ALA A 191 3.24 -12.18 -5.25
N LEU A 192 3.25 -13.46 -5.59
CA LEU A 192 3.20 -14.47 -4.55
C LEU A 192 4.44 -14.33 -3.68
N LEU A 193 4.24 -14.40 -2.37
CA LEU A 193 5.37 -14.34 -1.46
C LEU A 193 6.25 -15.57 -1.64
N LYS A 194 7.56 -15.38 -1.68
CA LYS A 194 8.48 -16.50 -1.77
C LYS A 194 9.75 -16.16 -1.00
N ASP A 195 10.52 -17.19 -0.69
CA ASP A 195 11.73 -17.03 0.11
C ASP A 195 12.99 -16.86 -0.73
N THR A 196 12.93 -17.14 -2.03
CA THR A 196 14.08 -16.97 -2.90
C THR A 196 14.11 -15.54 -3.42
N VAL A 197 15.06 -15.28 -4.30
CA VAL A 197 15.37 -13.91 -4.72
C VAL A 197 14.38 -13.49 -5.80
N TYR A 198 13.99 -12.21 -5.77
CA TYR A 198 13.23 -11.59 -6.84
C TYR A 198 14.18 -10.81 -7.75
N THR A 199 14.01 -10.97 -9.06
CA THR A 199 14.82 -10.24 -10.02
C THR A 199 14.01 -9.30 -10.89
N ASP A 200 12.70 -9.18 -10.65
CA ASP A 200 11.83 -8.26 -11.36
C ASP A 200 11.13 -7.37 -10.35
N PHE A 201 10.71 -6.19 -10.82
CA PHE A 201 10.08 -5.20 -9.95
C PHE A 201 9.29 -4.20 -10.77
N ASP A 202 8.04 -3.95 -10.38
CA ASP A 202 7.22 -2.97 -11.09
C ASP A 202 6.57 -1.96 -10.14
N GLY A 203 7.12 -1.76 -8.96
CA GLY A 203 6.57 -0.84 -7.99
C GLY A 203 7.07 0.58 -8.19
N THR A 204 7.15 1.32 -7.08
CA THR A 204 7.53 2.72 -7.09
C THR A 204 9.03 2.82 -6.76
N ARG A 205 9.80 3.44 -7.66
CA ARG A 205 11.25 3.36 -7.57
C ARG A 205 11.77 4.03 -6.30
N VAL A 206 11.22 5.19 -5.93
CA VAL A 206 11.68 5.92 -4.75
C VAL A 206 11.35 5.23 -3.45
N TYR A 207 10.55 4.15 -3.48
CA TYR A 207 10.27 3.33 -2.31
C TYR A 207 11.03 2.01 -2.32
N SER A 208 11.81 1.72 -3.40
CA SER A 208 12.51 0.47 -3.61
C SER A 208 13.88 0.49 -2.95
N PRO A 209 14.41 -0.66 -2.57
CA PRO A 209 15.56 -0.69 -1.69
C PRO A 209 16.84 -0.55 -2.48
N PRO A 210 17.97 -0.26 -1.81
CA PRO A 210 19.21 -0.07 -2.57
C PRO A 210 19.70 -1.33 -3.25
N GLU A 211 19.34 -2.50 -2.74
CA GLU A 211 19.74 -3.71 -3.44
C GLU A 211 19.01 -3.83 -4.78
N TRP A 212 17.83 -3.23 -4.91
CA TRP A 212 17.20 -3.21 -6.22
C TRP A 212 17.91 -2.23 -7.15
N ILE A 213 18.25 -1.04 -6.62
CA ILE A 213 18.92 -0.03 -7.43
C ILE A 213 20.26 -0.54 -7.93
N ARG A 214 21.09 -1.07 -7.02
CA ARG A 214 22.46 -1.43 -7.38
C ARG A 214 22.54 -2.73 -8.17
N TYR A 215 21.77 -3.76 -7.79
CA TYR A 215 21.96 -5.09 -8.36
C TYR A 215 20.73 -5.72 -8.98
N HIS A 216 19.61 -5.01 -9.05
CA HIS A 216 18.37 -5.55 -9.63
C HIS A 216 17.98 -6.91 -9.03
N ARG A 217 18.14 -7.04 -7.71
CA ARG A 217 17.57 -8.18 -6.99
C ARG A 217 17.24 -7.76 -5.57
N TYR A 218 16.30 -8.50 -4.97
CA TYR A 218 15.90 -8.28 -3.59
C TYR A 218 15.18 -9.52 -3.09
N HIS A 219 15.02 -9.59 -1.77
CA HIS A 219 14.13 -10.55 -1.13
C HIS A 219 12.92 -9.78 -0.60
N GLY A 220 11.79 -10.46 -0.50
CA GLY A 220 10.53 -9.74 -0.40
C GLY A 220 10.31 -9.05 0.93
N ARG A 221 10.59 -9.73 2.03
CA ARG A 221 10.33 -9.15 3.33
C ARG A 221 11.21 -7.95 3.59
N SER A 222 12.51 -8.07 3.31
CA SER A 222 13.41 -6.98 3.61
C SER A 222 13.18 -5.81 2.68
N ALA A 223 12.71 -6.07 1.45
CA ALA A 223 12.36 -4.95 0.58
C ALA A 223 11.09 -4.27 1.08
N ALA A 224 10.13 -5.04 1.60
CA ALA A 224 8.93 -4.45 2.18
C ALA A 224 9.29 -3.57 3.37
N VAL A 225 10.17 -4.07 4.26
CA VAL A 225 10.57 -3.29 5.42
C VAL A 225 11.23 -1.99 5.00
N TRP A 226 12.03 -2.00 3.92
CA TRP A 226 12.61 -0.76 3.42
C TRP A 226 11.54 0.23 3.02
N SER A 227 10.52 -0.23 2.28
CA SER A 227 9.47 0.67 1.85
C SER A 227 8.68 1.19 3.04
N LEU A 228 8.55 0.38 4.08
CA LEU A 228 7.88 0.84 5.29
C LEU A 228 8.70 1.92 6.00
N GLY A 229 10.03 1.82 5.95
CA GLY A 229 10.86 2.92 6.43
C GLY A 229 10.67 4.22 5.66
N ILE A 230 10.60 4.12 4.32
CA ILE A 230 10.32 5.31 3.51
C ILE A 230 8.97 5.87 3.89
N LEU A 231 7.98 4.99 4.08
CA LEU A 231 6.63 5.40 4.42
C LEU A 231 6.59 6.12 5.76
N LEU A 232 7.35 5.64 6.76
CA LEU A 232 7.27 6.23 8.08
C LEU A 232 7.97 7.60 8.11
N TYR A 233 9.07 7.74 7.40
CA TYR A 233 9.68 9.06 7.25
C TYR A 233 8.69 10.01 6.58
N ASP A 234 8.05 9.54 5.51
CA ASP A 234 7.00 10.30 4.82
C ASP A 234 5.97 10.82 5.82
N MET A 235 5.55 9.98 6.76
CA MET A 235 4.50 10.38 7.68
C MET A 235 4.98 11.43 8.68
N VAL A 236 6.19 11.25 9.23
CA VAL A 236 6.63 12.17 10.28
C VAL A 236 7.37 13.38 9.76
N CYS A 237 7.80 13.39 8.50
CA CYS A 237 8.50 14.55 7.95
C CYS A 237 7.72 15.27 6.85
N GLY A 238 6.57 14.75 6.43
CA GLY A 238 5.78 15.38 5.41
C GLY A 238 6.16 15.03 4.00
N ASP A 239 7.27 14.33 3.78
CA ASP A 239 7.56 13.83 2.44
C ASP A 239 8.62 12.73 2.53
N ILE A 240 8.78 12.00 1.43
CA ILE A 240 9.72 10.88 1.38
C ILE A 240 11.13 11.45 1.49
N PRO A 241 12.11 10.67 1.95
CA PRO A 241 13.46 11.22 2.16
C PRO A 241 14.31 11.29 0.89
N PHE A 242 14.05 10.42 -0.07
CA PHE A 242 14.92 10.19 -1.21
C PHE A 242 14.15 10.39 -2.49
N GLU A 243 14.75 11.10 -3.43
CA GLU A 243 14.18 11.24 -4.75
C GLU A 243 15.04 10.62 -5.84
N HIS A 244 16.34 10.45 -5.60
CA HIS A 244 17.30 10.05 -6.62
C HIS A 244 17.99 8.77 -6.19
N ASP A 245 18.41 7.99 -7.19
CA ASP A 245 19.07 6.71 -6.91
C ASP A 245 20.24 6.88 -5.95
N GLU A 246 21.01 7.97 -6.13
CA GLU A 246 22.20 8.17 -5.33
C GLU A 246 21.85 8.33 -3.86
N GLU A 247 20.73 8.99 -3.56
CA GLU A 247 20.30 9.09 -2.17
C GLU A 247 19.87 7.74 -1.62
N ILE A 248 19.14 6.96 -2.43
CA ILE A 248 18.63 5.67 -1.97
C ILE A 248 19.77 4.76 -1.55
N ILE A 249 20.85 4.73 -2.33
CA ILE A 249 21.98 3.86 -2.02
C ILE A 249 22.97 4.50 -1.08
N GLY A 250 22.78 5.77 -0.72
CA GLY A 250 23.76 6.51 0.06
C GLY A 250 23.81 6.17 1.54
N GLY A 251 22.72 5.66 2.10
CA GLY A 251 22.78 5.28 3.50
C GLY A 251 22.79 6.43 4.48
N GLN A 252 22.22 7.57 4.11
CA GLN A 252 22.15 8.72 4.99
C GLN A 252 20.73 9.25 4.99
N VAL A 253 20.23 9.53 6.20
CA VAL A 253 18.87 9.96 6.41
C VAL A 253 18.95 11.26 7.18
N PHE A 254 18.65 12.37 6.51
CA PHE A 254 18.57 13.66 7.16
C PHE A 254 17.11 13.91 7.55
N PHE A 255 16.89 14.37 8.77
CA PHE A 255 15.55 14.65 9.26
C PHE A 255 15.23 16.14 9.13
N ARG A 256 14.22 16.43 8.32
CA ARG A 256 13.84 17.78 7.95
C ARG A 256 12.81 18.36 8.91
N GLN A 257 12.32 17.55 9.84
CA GLN A 257 11.37 17.97 10.86
C GLN A 257 11.84 17.45 12.20
N ARG A 258 11.34 18.08 13.26
CA ARG A 258 11.55 17.56 14.59
C ARG A 258 10.94 16.17 14.69
N VAL A 259 11.77 15.18 15.01
CA VAL A 259 11.35 13.78 15.12
C VAL A 259 12.04 13.17 16.33
N SER A 260 11.30 12.37 17.09
CA SER A 260 11.85 11.83 18.33
C SER A 260 12.99 10.87 18.02
N GLU A 262 13.52 7.93 19.32
CA GLU A 262 13.00 6.58 19.13
C GLU A 262 12.52 6.35 17.70
N CYS A 263 11.75 7.29 17.17
CA CYS A 263 11.24 7.18 15.80
C CYS A 263 12.37 7.25 14.78
N GLN A 264 13.35 8.12 15.02
CA GLN A 264 14.51 8.20 14.13
C GLN A 264 15.26 6.87 14.09
N HIS A 265 15.38 6.23 15.25
CA HIS A 265 16.09 4.97 15.29
C HIS A 265 15.34 3.89 14.51
N LEU A 266 14.01 3.81 14.69
CA LEU A 266 13.23 2.83 13.94
C LEU A 266 13.34 3.05 12.43
N ILE A 267 13.19 4.32 12.00
CA ILE A 267 13.30 4.65 10.59
C ILE A 267 14.67 4.24 10.04
N ARG A 268 15.74 4.62 10.74
CA ARG A 268 17.06 4.26 10.26
C ARG A 268 17.26 2.76 10.26
N TRP A 269 16.66 2.05 11.20
CA TRP A 269 16.74 0.60 11.23
C TRP A 269 16.07 -0.01 10.00
N CYS A 270 14.85 0.44 9.67
CA CYS A 270 14.18 -0.06 8.47
C CYS A 270 14.97 0.25 7.21
N LEU A 271 15.72 1.37 7.19
CA LEU A 271 16.49 1.79 6.02
C LEU A 271 17.97 1.43 6.09
N ALA A 272 18.33 0.44 6.92
CA ALA A 272 19.66 -0.15 6.83
C ALA A 272 19.97 -0.58 5.40
N LEU A 273 21.16 -0.18 4.92
CA LEU A 273 21.56 -0.54 3.56
C LEU A 273 21.62 -2.05 3.37
N ARG A 274 22.15 -2.77 4.34
CA ARG A 274 22.26 -4.22 4.23
C ARG A 274 20.91 -4.85 4.56
N PRO A 275 20.31 -5.62 3.65
CA PRO A 275 18.97 -6.19 3.93
C PRO A 275 18.90 -6.98 5.23
N SER A 276 19.91 -7.81 5.52
CA SER A 276 19.86 -8.65 6.71
C SER A 276 19.92 -7.84 7.99
N ASP A 277 20.34 -6.58 7.91
CA ASP A 277 20.35 -5.68 9.06
C ASP A 277 18.99 -5.06 9.36
N ARG A 278 18.02 -5.18 8.47
CA ARG A 278 16.73 -4.56 8.71
C ARG A 278 15.94 -5.39 9.72
N PRO A 279 15.00 -4.77 10.41
CA PRO A 279 14.18 -5.50 11.36
C PRO A 279 13.11 -6.33 10.67
N THR A 280 12.68 -7.38 11.38
CA THR A 280 11.49 -8.13 11.03
C THR A 280 10.24 -7.35 11.43
N PHE A 281 9.09 -7.78 10.91
CA PHE A 281 7.84 -7.16 11.32
C PHE A 281 7.68 -7.23 12.83
N GLU A 282 8.02 -8.37 13.45
CA GLU A 282 7.95 -8.49 14.91
C GLU A 282 8.83 -7.45 15.60
N GLU A 283 10.08 -7.30 15.13
CA GLU A 283 10.97 -6.32 15.74
C GLU A 283 10.45 -4.90 15.58
N ILE A 284 9.85 -4.57 14.43
CA ILE A 284 9.24 -3.25 14.26
C ILE A 284 8.15 -3.03 15.30
N GLN A 285 7.25 -4.00 15.46
CA GLN A 285 6.13 -3.79 16.37
C GLN A 285 6.53 -3.91 17.84
N ASN A 286 7.67 -4.52 18.14
CA ASN A 286 8.18 -4.47 19.51
C ASN A 286 9.07 -3.27 19.76
N HIS A 287 9.30 -2.42 18.76
CA HIS A 287 10.17 -1.28 18.97
C HIS A 287 9.53 -0.35 20.01
N PRO A 288 10.31 0.25 20.90
CA PRO A 288 9.70 1.15 21.90
C PRO A 288 8.88 2.27 21.28
N TRP A 289 9.25 2.76 20.10
CA TRP A 289 8.44 3.82 19.51
C TRP A 289 7.02 3.37 19.21
N MET A 290 6.79 2.07 19.08
CA MET A 290 5.51 1.54 18.64
C MET A 290 4.57 1.18 19.77
N GLN A 291 4.96 1.40 21.03
CA GLN A 291 4.10 1.01 22.14
C GLN A 291 2.97 2.01 22.37
N ASP A 292 1.87 1.49 22.89
CA ASP A 292 0.71 2.30 23.30
C ASP A 292 0.03 2.95 22.11
N VAL A 293 -0.16 2.16 21.05
CA VAL A 293 -0.85 2.64 19.87
C VAL A 293 -2.30 2.95 20.23
N LEU A 294 -2.85 3.95 19.56
CA LEU A 294 -4.27 4.22 19.65
C LEU A 294 -5.06 3.19 18.86
N LEU A 295 -6.31 3.01 19.25
CA LEU A 295 -7.26 2.24 18.48
C LEU A 295 -7.77 3.07 17.30
N PRO A 296 -8.28 2.41 16.25
CA PRO A 296 -8.84 3.17 15.12
C PRO A 296 -9.86 4.22 15.52
N GLN A 297 -10.85 3.84 16.34
CA GLN A 297 -11.88 4.80 16.74
C GLN A 297 -11.28 5.99 17.50
N GLU A 298 -10.42 5.71 18.48
CA GLU A 298 -9.69 6.79 19.14
C GLU A 298 -8.95 7.66 18.13
N THR A 299 -8.33 7.03 17.14
CA THR A 299 -7.59 7.79 16.12
C THR A 299 -8.52 8.71 15.36
N ALA A 300 -9.70 8.21 14.98
CA ALA A 300 -10.68 9.04 14.29
C ALA A 300 -11.21 10.14 15.19
N GLU A 301 -11.44 9.84 16.47
CA GLU A 301 -12.03 10.83 17.36
C GLU A 301 -11.04 11.96 17.65
N ILE A 302 -9.77 11.62 17.86
CA ILE A 302 -8.76 12.61 18.25
C ILE A 302 -8.19 13.35 17.05
N HIS A 303 -8.05 12.68 15.90
CA HIS A 303 -7.28 13.23 14.80
C HIS A 303 -8.06 13.42 13.50
N LEU A 304 -9.24 12.82 13.34
CA LEU A 304 -9.92 12.90 12.05
C LEU A 304 -11.28 13.58 12.11
N HIS A 305 -11.84 13.84 13.28
CA HIS A 305 -13.17 14.45 13.35
C HIS A 305 -13.06 15.95 13.54
N ARG B 2 9.08 23.21 -0.61
CA ARG B 2 9.68 22.06 -1.30
C ARG B 2 8.62 21.29 -2.07
N LYS B 3 8.96 20.80 -3.26
CA LYS B 3 7.96 20.23 -4.16
C LYS B 3 7.70 18.76 -3.81
N ARG B 4 6.51 18.48 -3.31
CA ARG B 4 6.05 17.12 -3.04
C ARG B 4 5.27 16.62 -4.25
N ARG B 5 5.51 15.37 -4.64
CA ARG B 5 4.94 14.85 -5.89
C ARG B 5 4.64 13.37 -5.75
N ARG B 6 3.65 12.92 -6.52
CA ARG B 6 3.36 11.50 -6.62
C ARG B 6 4.41 10.84 -7.51
N HIS B 7 4.50 9.53 -7.43
CA HIS B 7 5.45 8.77 -8.25
C HIS B 7 4.76 7.54 -8.83
N PRO B 8 4.44 7.56 -10.11
CA PRO B 8 3.82 6.39 -10.73
C PRO B 8 4.70 5.16 -10.62
N SER B 9 4.05 4.01 -10.71
CA SER B 9 4.73 2.73 -10.81
C SER B 9 5.13 2.46 -12.25
#